data_3FCE
#
_entry.id   3FCE
#
_cell.length_a   61.400
_cell.length_b   87.400
_cell.length_c   57.400
_cell.angle_alpha   90.00
_cell.angle_beta   114.00
_cell.angle_gamma   90.00
#
_symmetry.space_group_name_H-M   'P 1 21 1'
#
loop_
_entity.id
_entity.type
_entity.pdbx_description
1 polymer 'D-alanine--poly(phosphoribitol) ligase subunit 1'
2 non-polymer 'CALCIUM ION'
3 non-polymer "ADENOSINE-5'-TRIPHOSPHATE"
4 water water
#
_entity_poly.entity_id   1
_entity_poly.type   'polypeptide(L)'
_entity_poly.pdbx_seq_one_letter_code
;MKLLEQIEKWAAETPDQTAFVWRDAKITYKQLKEDSDALAHWISSEYPDDRSPIMVYGHMQPEMIINFLGCVKAGHAYIP
VDLSIPADRVQRIAENSGAKLLLSATAVTVTDLPVRIVSEDNLKDIFFTHKGNTPNPEHAVKGDENFYIIYTSGSTGNPK
GVQITYNCLVSFTKWAVEDFNLQTGQVFLNQAPFSFDLSVMDIYPSLVTGGTLWAIDKDMIARPKDLFASLEQSDIQVWT
STPSFAEMCLMEASFSESMLPNMKTFLFCGEVLPNEVARKLIERFPKATIMNTYGPTEATVAVTGIHVTEEVLDQYKSLP
VGYCKSDCRLLIMKEDGTIAPDGEKGEIVIVGPSVSVGYLGSPELTEKAFTMIDGERAYKTGDAGYVENGLLFYNGRLDF
QIKLHGYRMELEEIEHHLRACSYVEGAVIVPIKKGEKYDYLLAVVVPGEHSFEKEFKLTSAIKKELNERLPNYMIPRKFM
YQSSIPMTPNGKVDRKKLLSEVTALEHHHHHH
;
_entity_poly.pdbx_strand_id   A
#
# COMPACT_ATOMS: atom_id res chain seq x y z
N MET A 1 1.13 -8.86 24.77
CA MET A 1 1.00 -7.40 25.07
C MET A 1 1.81 -6.59 24.08
N LYS A 2 3.11 -6.47 24.33
CA LYS A 2 3.97 -5.71 23.42
C LYS A 2 3.92 -6.33 22.03
N LEU A 3 4.02 -5.49 21.01
CA LEU A 3 3.99 -5.96 19.63
C LEU A 3 4.94 -7.12 19.42
N LEU A 4 6.19 -6.96 19.82
CA LEU A 4 7.17 -8.01 19.65
C LEU A 4 6.82 -9.26 20.45
N GLU A 5 6.28 -9.08 21.65
CA GLU A 5 5.91 -10.21 22.49
C GLU A 5 4.76 -11.01 21.90
N GLN A 6 3.80 -10.34 21.26
CA GLN A 6 2.69 -11.07 20.68
C GLN A 6 3.10 -11.81 19.41
N ILE A 7 4.23 -11.42 18.83
CA ILE A 7 4.74 -12.09 17.64
C ILE A 7 5.51 -13.31 18.11
N GLU A 8 6.42 -13.08 19.05
CA GLU A 8 7.28 -14.11 19.62
C GLU A 8 6.48 -15.24 20.24
N LYS A 9 5.25 -14.94 20.66
CA LYS A 9 4.38 -15.94 21.25
C LYS A 9 4.23 -17.13 20.32
N TRP A 10 4.21 -16.86 19.01
CA TRP A 10 4.05 -17.92 18.03
C TRP A 10 5.33 -18.72 17.83
N ALA A 11 6.46 -18.12 18.21
CA ALA A 11 7.74 -18.80 18.09
C ALA A 11 7.76 -19.90 19.14
N ALA A 12 7.05 -19.67 20.24
CA ALA A 12 6.98 -20.64 21.33
C ALA A 12 5.86 -21.65 21.13
N GLU A 13 4.69 -21.16 20.72
CA GLU A 13 3.52 -22.02 20.52
C GLU A 13 3.54 -22.83 19.24
N THR A 14 3.96 -22.21 18.14
CA THR A 14 4.01 -22.91 16.87
C THR A 14 5.35 -22.62 16.19
N PRO A 15 6.46 -23.02 16.85
CA PRO A 15 7.81 -22.81 16.34
C PRO A 15 8.08 -23.29 14.91
N ASP A 16 7.46 -24.39 14.52
CA ASP A 16 7.70 -24.94 13.19
C ASP A 16 6.74 -24.50 12.09
N GLN A 17 5.83 -23.59 12.42
CA GLN A 17 4.90 -23.10 11.42
C GLN A 17 5.68 -22.11 10.57
N THR A 18 5.40 -22.08 9.27
CA THR A 18 6.07 -21.16 8.37
C THR A 18 5.57 -19.75 8.59
N ALA A 19 6.50 -18.82 8.75
CA ALA A 19 6.13 -17.43 8.97
C ALA A 19 6.19 -16.62 7.68
N PHE A 20 7.08 -17.00 6.78
CA PHE A 20 7.26 -16.28 5.53
C PHE A 20 7.85 -17.20 4.48
N VAL A 21 7.29 -17.18 3.28
CA VAL A 21 7.82 -18.00 2.20
C VAL A 21 7.83 -17.21 0.89
N TRP A 22 8.91 -17.35 0.15
CA TRP A 22 9.08 -16.68 -1.14
C TRP A 22 9.68 -17.75 -2.05
N ARG A 23 8.88 -18.19 -3.02
CA ARG A 23 9.29 -19.25 -3.93
C ARG A 23 9.71 -20.46 -3.08
N ASP A 24 10.93 -20.94 -3.22
CA ASP A 24 11.34 -22.09 -2.42
C ASP A 24 11.99 -21.74 -1.08
N ALA A 25 12.21 -20.45 -0.85
CA ALA A 25 12.82 -19.99 0.40
C ALA A 25 11.76 -19.77 1.47
N LYS A 26 11.90 -20.43 2.61
CA LYS A 26 10.93 -20.27 3.68
C LYS A 26 11.61 -20.21 5.04
N ILE A 27 10.90 -19.62 6.01
CA ILE A 27 11.41 -19.52 7.36
C ILE A 27 10.27 -19.71 8.34
N THR A 28 10.51 -20.48 9.39
CA THR A 28 9.51 -20.75 10.42
C THR A 28 9.55 -19.64 11.47
N TYR A 29 8.57 -19.60 12.36
CA TYR A 29 8.56 -18.59 13.40
C TYR A 29 9.76 -18.77 14.31
N LYS A 30 10.13 -20.02 14.55
CA LYS A 30 11.27 -20.33 15.39
C LYS A 30 12.53 -19.73 14.77
N GLN A 31 12.71 -19.98 13.47
CA GLN A 31 13.87 -19.45 12.78
C GLN A 31 13.85 -17.92 12.75
N LEU A 32 12.68 -17.34 12.57
CA LEU A 32 12.56 -15.88 12.52
C LEU A 32 13.02 -15.25 13.83
N LYS A 33 12.60 -15.80 14.96
CA LYS A 33 12.99 -15.27 16.25
C LYS A 33 14.51 -15.41 16.43
N GLU A 34 15.01 -16.60 16.15
CA GLU A 34 16.42 -16.92 16.27
C GLU A 34 17.35 -15.97 15.53
N ASP A 35 17.18 -15.90 14.22
CA ASP A 35 18.01 -15.04 13.40
C ASP A 35 17.81 -13.57 13.77
N SER A 36 16.56 -13.19 14.01
CA SER A 36 16.24 -11.81 14.38
C SER A 36 16.94 -11.46 15.69
N ASP A 37 16.92 -12.38 16.63
CA ASP A 37 17.58 -12.17 17.93
C ASP A 37 19.09 -12.01 17.70
N ALA A 38 19.66 -12.92 16.91
CA ALA A 38 21.09 -12.88 16.63
C ALA A 38 21.52 -11.53 16.02
N LEU A 39 20.73 -11.06 15.06
CA LEU A 39 21.02 -9.78 14.39
C LEU A 39 20.89 -8.60 15.37
N ALA A 40 19.85 -8.59 16.19
CA ALA A 40 19.66 -7.51 17.14
C ALA A 40 20.83 -7.49 18.13
N HIS A 41 21.25 -8.68 18.53
CA HIS A 41 22.37 -8.81 19.46
C HIS A 41 23.60 -8.21 18.80
N TRP A 42 23.78 -8.48 17.52
CA TRP A 42 24.92 -7.94 16.78
C TRP A 42 24.84 -6.43 16.64
N ILE A 43 23.67 -5.93 16.24
CA ILE A 43 23.48 -4.49 16.07
C ILE A 43 23.83 -3.79 17.39
N SER A 44 23.31 -4.35 18.48
CA SER A 44 23.55 -3.79 19.80
C SER A 44 25.03 -3.77 20.18
N SER A 45 25.78 -4.75 19.70
CA SER A 45 27.21 -4.83 20.00
C SER A 45 28.03 -3.90 19.13
N GLU A 46 27.53 -3.59 17.94
CA GLU A 46 28.24 -2.70 17.02
C GLU A 46 27.88 -1.22 17.24
N TYR A 47 26.68 -0.97 17.75
CA TYR A 47 26.21 0.38 18.01
C TYR A 47 25.55 0.44 19.38
N PRO A 48 26.34 0.22 20.44
CA PRO A 48 25.93 0.21 21.86
C PRO A 48 24.87 1.21 22.35
N ASP A 49 25.07 2.50 22.10
CA ASP A 49 24.09 3.49 22.57
C ASP A 49 23.51 4.29 21.42
N ASP A 50 23.63 3.74 20.21
CA ASP A 50 23.11 4.38 19.01
C ASP A 50 21.74 3.86 18.65
N ARG A 51 20.90 4.72 18.09
CA ARG A 51 19.55 4.33 17.70
C ARG A 51 19.19 4.91 16.34
N SER A 52 20.19 5.09 15.49
CA SER A 52 19.99 5.64 14.14
C SER A 52 19.19 4.66 13.27
N PRO A 53 18.39 5.19 12.33
CA PRO A 53 17.61 4.28 11.48
C PRO A 53 18.53 3.42 10.62
N ILE A 54 18.12 2.19 10.35
CA ILE A 54 18.91 1.27 9.54
C ILE A 54 18.21 0.94 8.23
N MET A 55 18.93 1.05 7.12
CA MET A 55 18.37 0.74 5.81
C MET A 55 18.35 -0.77 5.60
N VAL A 56 17.24 -1.29 5.09
CA VAL A 56 17.11 -2.73 4.81
C VAL A 56 16.79 -2.82 3.32
N TYR A 57 17.77 -3.29 2.56
CA TYR A 57 17.71 -3.38 1.10
C TYR A 57 17.41 -4.76 0.52
N GLY A 58 16.50 -4.81 -0.46
CA GLY A 58 16.15 -6.08 -1.09
C GLY A 58 14.79 -6.05 -1.75
N HIS A 59 14.23 -7.23 -1.99
CA HIS A 59 12.90 -7.33 -2.60
C HIS A 59 11.97 -8.17 -1.73
N MET A 60 11.87 -9.47 -2.02
CA MET A 60 10.99 -10.37 -1.28
C MET A 60 11.67 -11.49 -0.50
N GLN A 61 12.97 -11.38 -0.27
CA GLN A 61 13.68 -12.43 0.46
C GLN A 61 13.25 -12.45 1.92
N PRO A 62 13.15 -13.65 2.52
CA PRO A 62 12.76 -13.79 3.94
C PRO A 62 13.64 -12.93 4.85
N GLU A 63 14.87 -12.68 4.43
CA GLU A 63 15.80 -11.88 5.22
C GLU A 63 15.28 -10.45 5.42
N MET A 64 14.41 -10.00 4.55
CA MET A 64 13.86 -8.66 4.66
C MET A 64 13.12 -8.55 6.00
N ILE A 65 12.31 -9.56 6.29
CA ILE A 65 11.55 -9.58 7.53
C ILE A 65 12.44 -9.82 8.74
N ILE A 66 13.42 -10.71 8.60
CA ILE A 66 14.35 -10.99 9.69
C ILE A 66 15.06 -9.70 10.08
N ASN A 67 15.50 -8.96 9.08
CA ASN A 67 16.23 -7.71 9.32
C ASN A 67 15.34 -6.61 9.92
N PHE A 68 14.07 -6.56 9.52
CA PHE A 68 13.15 -5.57 10.08
C PHE A 68 13.06 -5.78 11.59
N LEU A 69 12.77 -7.01 11.99
CA LEU A 69 12.64 -7.35 13.40
C LEU A 69 13.94 -7.20 14.17
N GLY A 70 15.05 -7.54 13.52
CA GLY A 70 16.34 -7.41 14.17
C GLY A 70 16.63 -5.97 14.51
N CYS A 71 16.32 -5.08 13.58
CA CYS A 71 16.53 -3.64 13.79
C CYS A 71 15.74 -3.10 14.99
N VAL A 72 14.44 -3.38 15.04
CA VAL A 72 13.62 -2.87 16.14
C VAL A 72 13.97 -3.47 17.50
N LYS A 73 14.38 -4.73 17.53
CA LYS A 73 14.75 -5.39 18.78
C LYS A 73 15.94 -4.69 19.43
N ALA A 74 16.78 -4.07 18.60
CA ALA A 74 17.94 -3.35 19.10
C ALA A 74 17.61 -1.88 19.33
N GLY A 75 16.37 -1.50 18.99
CA GLY A 75 15.93 -0.13 19.19
C GLY A 75 16.07 0.78 17.98
N HIS A 76 16.33 0.19 16.82
CA HIS A 76 16.49 0.98 15.61
C HIS A 76 15.31 0.82 14.67
N ALA A 77 14.89 1.92 14.05
CA ALA A 77 13.80 1.86 13.09
C ALA A 77 14.47 1.41 11.80
N TYR A 78 13.72 0.73 10.94
CA TYR A 78 14.30 0.29 9.68
C TYR A 78 13.72 1.11 8.55
N ILE A 79 14.47 1.22 7.46
CA ILE A 79 14.03 1.96 6.28
C ILE A 79 13.97 0.93 5.14
N PRO A 80 12.77 0.49 4.76
CA PRO A 80 12.64 -0.49 3.68
C PRO A 80 13.03 0.11 2.33
N VAL A 81 13.93 -0.55 1.61
CA VAL A 81 14.35 -0.07 0.30
C VAL A 81 14.23 -1.16 -0.74
N ASP A 82 13.22 -1.07 -1.60
CA ASP A 82 13.01 -2.07 -2.63
C ASP A 82 14.00 -1.92 -3.78
N LEU A 83 14.31 -3.03 -4.44
CA LEU A 83 15.24 -3.01 -5.56
C LEU A 83 14.76 -2.08 -6.66
N SER A 84 13.45 -1.88 -6.77
CA SER A 84 12.90 -1.02 -7.81
C SER A 84 13.05 0.48 -7.55
N ILE A 85 13.50 0.85 -6.35
CA ILE A 85 13.69 2.27 -6.07
C ILE A 85 14.95 2.73 -6.81
N PRO A 86 14.83 3.77 -7.64
CA PRO A 86 15.97 4.29 -8.41
C PRO A 86 17.14 4.67 -7.50
N ALA A 87 18.34 4.26 -7.91
CA ALA A 87 19.57 4.53 -7.16
C ALA A 87 19.65 5.97 -6.66
N ASP A 88 19.27 6.91 -7.51
CA ASP A 88 19.31 8.32 -7.17
C ASP A 88 18.59 8.57 -5.85
N ARG A 89 17.38 8.02 -5.73
CA ARG A 89 16.58 8.20 -4.53
C ARG A 89 17.17 7.45 -3.34
N VAL A 90 17.81 6.32 -3.61
CA VAL A 90 18.41 5.52 -2.55
C VAL A 90 19.55 6.33 -1.95
N GLN A 91 20.31 6.98 -2.83
CA GLN A 91 21.44 7.79 -2.39
C GLN A 91 20.95 8.94 -1.51
N ARG A 92 19.83 9.54 -1.90
CA ARG A 92 19.26 10.64 -1.12
C ARG A 92 18.83 10.13 0.25
N ILE A 93 18.05 9.05 0.26
CA ILE A 93 17.59 8.47 1.52
C ILE A 93 18.74 8.22 2.47
N ALA A 94 19.83 7.66 1.95
CA ALA A 94 21.01 7.35 2.75
C ALA A 94 21.59 8.60 3.41
N GLU A 95 21.32 9.76 2.82
CA GLU A 95 21.84 11.02 3.35
C GLU A 95 20.80 11.79 4.16
N ASN A 96 19.55 11.79 3.68
CA ASN A 96 18.48 12.48 4.39
C ASN A 96 18.36 11.82 5.76
N SER A 97 18.42 10.50 5.76
CA SER A 97 18.32 9.74 7.00
C SER A 97 19.73 9.60 7.57
N GLY A 98 19.87 9.88 8.86
CA GLY A 98 21.18 9.76 9.46
C GLY A 98 21.58 8.30 9.64
N ALA A 99 21.10 7.43 8.76
CA ALA A 99 21.43 6.01 8.84
C ALA A 99 22.94 5.81 8.75
N LYS A 100 23.45 4.85 9.52
CA LYS A 100 24.87 4.54 9.53
C LYS A 100 25.09 3.13 8.98
N LEU A 101 24.01 2.40 8.80
CA LEU A 101 24.08 1.01 8.35
C LEU A 101 23.00 0.58 7.37
N LEU A 102 23.38 -0.29 6.42
CA LEU A 102 22.43 -0.84 5.45
C LEU A 102 22.60 -2.37 5.47
N LEU A 103 21.47 -3.08 5.52
CA LEU A 103 21.46 -4.55 5.54
C LEU A 103 20.77 -5.13 4.31
N SER A 104 21.39 -6.11 3.66
CA SER A 104 20.82 -6.75 2.49
C SER A 104 21.31 -8.18 2.31
N ALA A 105 20.40 -9.10 2.01
CA ALA A 105 20.77 -10.50 1.80
C ALA A 105 21.35 -10.67 0.41
N THR A 106 20.92 -9.83 -0.52
CA THR A 106 21.37 -9.88 -1.89
C THR A 106 22.42 -8.81 -2.16
N ALA A 107 23.01 -8.85 -3.36
CA ALA A 107 24.04 -7.88 -3.72
C ALA A 107 23.47 -6.47 -3.90
N VAL A 108 24.11 -5.49 -3.27
CA VAL A 108 23.67 -4.09 -3.37
C VAL A 108 24.28 -3.46 -4.61
N THR A 109 23.42 -3.00 -5.52
CA THR A 109 23.87 -2.41 -6.78
C THR A 109 23.94 -0.88 -6.84
N VAL A 110 23.49 -0.20 -5.79
CA VAL A 110 23.53 1.25 -5.80
C VAL A 110 24.93 1.78 -5.49
N THR A 111 25.44 2.61 -6.39
CA THR A 111 26.77 3.22 -6.28
C THR A 111 27.10 3.63 -4.85
N ASP A 112 28.36 3.48 -4.47
CA ASP A 112 28.83 3.82 -3.13
C ASP A 112 27.96 4.82 -2.36
N LEU A 113 27.39 4.33 -1.27
CA LEU A 113 26.52 5.10 -0.40
C LEU A 113 27.27 5.45 0.89
N PRO A 114 26.88 6.55 1.56
CA PRO A 114 27.53 6.96 2.81
C PRO A 114 27.09 6.16 4.03
N VAL A 115 27.03 4.84 3.89
CA VAL A 115 26.64 3.99 5.00
C VAL A 115 27.43 2.69 4.97
N ARG A 116 27.59 2.07 6.13
CA ARG A 116 28.29 0.80 6.22
C ARG A 116 27.36 -0.25 5.61
N ILE A 117 27.83 -0.95 4.57
CA ILE A 117 27.02 -1.96 3.93
C ILE A 117 27.33 -3.38 4.42
N VAL A 118 26.34 -4.05 4.98
CA VAL A 118 26.51 -5.41 5.47
C VAL A 118 25.65 -6.26 4.55
N SER A 119 26.27 -6.99 3.63
CA SER A 119 25.49 -7.78 2.70
C SER A 119 25.98 -9.17 2.38
N GLU A 120 25.11 -9.92 1.71
CA GLU A 120 25.41 -11.26 1.27
C GLU A 120 25.99 -12.14 2.36
N ASP A 121 27.20 -12.64 2.17
CA ASP A 121 27.81 -13.50 3.16
C ASP A 121 28.04 -12.80 4.50
N ASN A 122 28.26 -11.49 4.45
CA ASN A 122 28.48 -10.73 5.67
C ASN A 122 27.25 -10.75 6.56
N LEU A 123 26.07 -10.85 5.95
CA LEU A 123 24.84 -10.91 6.73
C LEU A 123 24.73 -12.32 7.29
N LYS A 124 25.07 -13.31 6.46
CA LYS A 124 25.04 -14.72 6.87
C LYS A 124 25.94 -14.96 8.07
N ASP A 125 27.11 -14.34 8.06
CA ASP A 125 28.05 -14.50 9.14
C ASP A 125 27.55 -14.04 10.50
N ILE A 126 26.70 -13.00 10.55
CA ILE A 126 26.20 -12.55 11.84
C ILE A 126 25.20 -13.57 12.40
N PHE A 127 24.35 -14.13 11.53
CA PHE A 127 23.38 -15.13 11.95
C PHE A 127 24.10 -16.34 12.55
N PHE A 128 25.26 -16.66 11.99
CA PHE A 128 26.07 -17.78 12.46
C PHE A 128 26.82 -17.40 13.74
N THR A 129 27.64 -16.36 13.62
CA THR A 129 28.45 -15.85 14.72
C THR A 129 27.68 -15.52 15.99
N HIS A 130 26.46 -14.99 15.85
CA HIS A 130 25.66 -14.65 17.02
C HIS A 130 24.49 -15.60 17.25
N LYS A 131 24.56 -16.78 16.63
CA LYS A 131 23.50 -17.76 16.78
C LYS A 131 23.29 -18.13 18.25
N GLY A 132 22.04 -18.05 18.70
CA GLY A 132 21.76 -18.38 20.08
C GLY A 132 21.76 -17.19 21.01
N ASN A 133 22.34 -16.07 20.57
CA ASN A 133 22.37 -14.87 21.39
C ASN A 133 21.02 -14.16 21.36
N THR A 134 20.74 -13.40 22.41
CA THR A 134 19.50 -12.65 22.51
C THR A 134 19.81 -11.22 22.96
N PRO A 135 19.05 -10.23 22.44
CA PRO A 135 19.26 -8.83 22.80
C PRO A 135 18.61 -8.46 24.12
N ASN A 136 19.01 -7.32 24.67
CA ASN A 136 18.46 -6.83 25.92
C ASN A 136 17.00 -6.45 25.67
N PRO A 137 16.05 -7.18 26.28
CA PRO A 137 14.63 -6.90 26.10
C PRO A 137 14.29 -5.42 26.21
N GLU A 138 15.08 -4.70 27.00
CA GLU A 138 14.87 -3.29 27.24
C GLU A 138 15.26 -2.35 26.09
N HIS A 139 15.95 -2.87 25.09
CA HIS A 139 16.37 -2.04 23.95
C HIS A 139 15.33 -1.91 22.84
N ALA A 140 14.31 -2.77 22.87
CA ALA A 140 13.26 -2.79 21.84
C ALA A 140 12.56 -1.44 21.69
N VAL A 141 12.39 -1.00 20.43
CA VAL A 141 11.71 0.26 20.15
C VAL A 141 10.39 0.26 20.90
N LYS A 142 10.04 1.39 21.49
CA LYS A 142 8.81 1.52 22.26
C LYS A 142 8.23 2.93 22.18
N GLY A 143 7.03 3.08 22.74
CA GLY A 143 6.37 4.37 22.79
C GLY A 143 6.32 5.14 21.49
N ASP A 144 6.80 6.38 21.54
CA ASP A 144 6.82 7.23 20.36
C ASP A 144 8.10 7.16 19.57
N GLU A 145 8.92 6.13 19.81
CA GLU A 145 10.17 5.97 19.08
C GLU A 145 9.85 5.42 17.69
N ASN A 146 10.63 5.82 16.69
CA ASN A 146 10.41 5.37 15.33
C ASN A 146 10.54 3.86 15.21
N PHE A 147 9.60 3.24 14.50
CA PHE A 147 9.63 1.79 14.28
C PHE A 147 10.13 1.57 12.84
N TYR A 148 9.56 2.31 11.90
CA TYR A 148 10.01 2.24 10.51
C TYR A 148 9.83 3.60 9.88
N ILE A 149 10.56 3.82 8.80
CA ILE A 149 10.49 5.08 8.07
C ILE A 149 10.33 4.74 6.60
N ILE A 150 9.18 5.09 6.04
CA ILE A 150 8.93 4.81 4.64
C ILE A 150 8.89 6.13 3.90
N TYR A 151 9.62 6.20 2.79
CA TYR A 151 9.68 7.42 2.01
C TYR A 151 8.57 7.45 0.97
N THR A 152 7.98 8.63 0.79
CA THR A 152 6.90 8.83 -0.16
C THR A 152 7.45 9.44 -1.44
N SER A 153 7.72 8.56 -2.42
CA SER A 153 8.26 8.88 -3.74
C SER A 153 8.50 10.35 -4.05
N GLY A 154 7.43 11.11 -4.25
CA GLY A 154 7.56 12.52 -4.55
C GLY A 154 8.61 12.81 -5.61
N PRO A 159 10.67 13.21 -2.16
CA PRO A 159 10.96 12.04 -1.34
C PRO A 159 11.18 12.42 0.12
N LYS A 160 10.19 12.14 0.96
CA LYS A 160 10.30 12.45 2.38
C LYS A 160 10.03 11.24 3.26
N GLY A 161 10.83 11.11 4.31
CA GLY A 161 10.69 9.98 5.20
C GLY A 161 9.57 10.11 6.23
N VAL A 162 8.52 9.33 6.04
CA VAL A 162 7.41 9.37 6.97
C VAL A 162 7.78 8.50 8.17
N GLN A 163 7.90 9.12 9.34
CA GLN A 163 8.28 8.40 10.55
C GLN A 163 7.08 7.77 11.24
N ILE A 164 7.09 6.44 11.33
CA ILE A 164 6.00 5.73 12.00
C ILE A 164 6.56 5.13 13.28
N THR A 165 5.96 5.52 14.39
CA THR A 165 6.38 5.07 15.71
C THR A 165 5.80 3.74 16.12
N TYR A 166 6.26 3.25 17.27
CA TYR A 166 5.78 2.00 17.83
C TYR A 166 4.29 2.16 18.13
N ASN A 167 3.91 3.28 18.76
CA ASN A 167 2.50 3.51 19.09
C ASN A 167 1.64 3.60 17.81
N CYS A 168 2.16 4.25 16.79
CA CYS A 168 1.46 4.39 15.51
C CYS A 168 1.11 3.00 14.94
N LEU A 169 2.12 2.14 14.86
CA LEU A 169 1.97 0.79 14.31
C LEU A 169 1.09 -0.11 15.17
N VAL A 170 1.18 0.06 16.48
CA VAL A 170 0.37 -0.75 17.39
C VAL A 170 -1.08 -0.36 17.21
N SER A 171 -1.32 0.94 17.04
CA SER A 171 -2.67 1.45 16.86
C SER A 171 -3.28 0.90 15.56
N PHE A 172 -2.51 0.88 14.49
CA PHE A 172 -2.99 0.34 13.22
C PHE A 172 -3.24 -1.16 13.28
N THR A 173 -2.22 -1.90 13.68
CA THR A 173 -2.30 -3.35 13.76
C THR A 173 -3.45 -3.91 14.60
N LYS A 174 -3.63 -3.35 15.80
CA LYS A 174 -4.72 -3.79 16.66
C LYS A 174 -6.05 -3.65 15.95
N TRP A 175 -6.27 -2.48 15.33
CA TRP A 175 -7.48 -2.20 14.58
C TRP A 175 -7.64 -3.17 13.41
N ALA A 176 -6.56 -3.34 12.65
CA ALA A 176 -6.58 -4.25 11.50
C ALA A 176 -6.97 -5.66 11.91
N VAL A 177 -6.30 -6.17 12.93
CA VAL A 177 -6.56 -7.52 13.43
C VAL A 177 -8.02 -7.71 13.85
N GLU A 178 -8.57 -6.72 14.55
CA GLU A 178 -9.94 -6.81 15.03
C GLU A 178 -11.01 -6.56 13.98
N ASP A 179 -10.93 -5.44 13.28
CA ASP A 179 -11.94 -5.13 12.28
C ASP A 179 -11.88 -5.83 10.93
N PHE A 180 -10.77 -6.50 10.63
CA PHE A 180 -10.68 -7.20 9.35
C PHE A 180 -11.03 -8.67 9.60
N ASN A 181 -11.49 -8.93 10.82
CA ASN A 181 -11.88 -10.26 11.26
C ASN A 181 -10.89 -11.35 10.87
N LEU A 182 -9.63 -11.14 11.23
CA LEU A 182 -8.60 -12.12 10.93
C LEU A 182 -8.67 -13.16 12.06
N GLN A 183 -8.11 -14.34 11.82
CA GLN A 183 -8.10 -15.39 12.83
C GLN A 183 -6.68 -15.68 13.28
N THR A 184 -6.22 -16.91 13.04
CA THR A 184 -4.85 -17.29 13.37
C THR A 184 -4.39 -18.37 12.42
N GLY A 185 -3.08 -18.44 12.20
CA GLY A 185 -2.52 -19.45 11.31
C GLY A 185 -2.96 -19.36 9.86
N GLN A 186 -3.39 -18.19 9.42
CA GLN A 186 -3.83 -18.00 8.05
C GLN A 186 -2.70 -17.63 7.11
N VAL A 187 -2.87 -17.94 5.83
CA VAL A 187 -1.88 -17.62 4.80
C VAL A 187 -2.23 -16.26 4.21
N PHE A 188 -1.30 -15.31 4.37
CA PHE A 188 -1.45 -13.93 3.90
C PHE A 188 -0.63 -13.66 2.64
N LEU A 189 -1.27 -13.14 1.61
CA LEU A 189 -0.55 -12.80 0.41
C LEU A 189 0.22 -11.50 0.67
N ASN A 190 1.41 -11.39 0.10
CA ASN A 190 2.12 -10.12 0.19
C ASN A 190 2.44 -9.78 -1.25
N GLN A 191 1.79 -8.73 -1.74
CA GLN A 191 1.97 -8.27 -3.10
C GLN A 191 2.85 -7.01 -3.16
N ALA A 192 2.58 -6.08 -2.26
CA ALA A 192 3.31 -4.81 -2.21
C ALA A 192 4.77 -4.86 -1.75
N PRO A 193 5.67 -4.18 -2.49
CA PRO A 193 7.07 -4.20 -2.04
C PRO A 193 7.06 -3.61 -0.64
N PHE A 194 8.09 -3.90 0.14
CA PHE A 194 8.15 -3.43 1.52
C PHE A 194 8.39 -1.93 1.63
N SER A 195 8.70 -1.31 0.51
CA SER A 195 8.95 0.12 0.43
C SER A 195 7.61 0.88 0.24
N PHE A 196 6.53 0.12 0.20
CA PHE A 196 5.17 0.65 0.04
C PHE A 196 4.46 0.19 1.32
N ASP A 197 3.90 1.12 2.10
CA ASP A 197 3.30 0.72 3.36
C ASP A 197 2.06 -0.17 3.28
N LEU A 198 1.59 -0.47 2.08
CA LEU A 198 0.44 -1.37 1.97
C LEU A 198 0.86 -2.72 2.52
N SER A 199 2.16 -3.03 2.38
CA SER A 199 2.71 -4.30 2.84
C SER A 199 2.54 -4.49 4.34
N VAL A 200 2.52 -3.37 5.07
CA VAL A 200 2.35 -3.37 6.52
C VAL A 200 0.99 -3.96 6.90
N MET A 201 -0.01 -3.77 6.02
CA MET A 201 -1.34 -4.30 6.29
C MET A 201 -1.34 -5.84 6.38
N ASP A 202 -0.39 -6.48 5.72
CA ASP A 202 -0.36 -7.93 5.81
C ASP A 202 0.78 -8.45 6.69
N ILE A 203 1.91 -7.76 6.69
CA ILE A 203 3.07 -8.18 7.48
C ILE A 203 2.79 -8.36 8.97
N TYR A 204 2.39 -7.28 9.63
CA TYR A 204 2.16 -7.34 11.05
C TYR A 204 0.92 -8.09 11.51
N PRO A 205 -0.21 -7.91 10.82
CA PRO A 205 -1.38 -8.67 11.28
C PRO A 205 -1.06 -10.18 11.17
N SER A 206 -0.29 -10.55 10.15
CA SER A 206 0.08 -11.96 9.97
C SER A 206 0.96 -12.43 11.12
N LEU A 207 2.03 -11.69 11.38
CA LEU A 207 2.95 -12.04 12.45
C LEU A 207 2.29 -12.14 13.82
N VAL A 208 1.47 -11.16 14.19
CA VAL A 208 0.82 -11.19 15.50
C VAL A 208 -0.25 -12.28 15.61
N THR A 209 -0.69 -12.83 14.48
CA THR A 209 -1.72 -13.88 14.49
C THR A 209 -1.16 -15.24 14.07
N GLY A 210 0.17 -15.35 14.03
CA GLY A 210 0.79 -16.61 13.65
C GLY A 210 0.49 -17.07 12.23
N GLY A 211 0.28 -16.12 11.32
CA GLY A 211 -0.02 -16.48 9.95
C GLY A 211 1.23 -16.76 9.13
N THR A 212 1.02 -17.03 7.83
CA THR A 212 2.11 -17.30 6.92
C THR A 212 2.12 -16.30 5.77
N LEU A 213 3.19 -15.53 5.64
CA LEU A 213 3.27 -14.56 4.55
C LEU A 213 3.76 -15.26 3.28
N TRP A 214 2.95 -15.18 2.23
CA TRP A 214 3.27 -15.80 0.94
C TRP A 214 3.59 -14.67 -0.02
N ALA A 215 4.87 -14.48 -0.29
CA ALA A 215 5.31 -13.40 -1.15
C ALA A 215 5.32 -13.74 -2.63
N ILE A 216 4.87 -12.78 -3.43
CA ILE A 216 4.86 -12.92 -4.87
C ILE A 216 5.80 -11.79 -5.31
N ASP A 217 6.76 -12.09 -6.17
CA ASP A 217 7.70 -11.06 -6.58
C ASP A 217 7.44 -10.44 -7.94
N LYS A 218 8.25 -9.43 -8.26
CA LYS A 218 8.16 -8.71 -9.51
C LYS A 218 8.26 -9.59 -10.76
N ASP A 219 9.25 -10.47 -10.80
CA ASP A 219 9.45 -11.34 -11.97
C ASP A 219 8.27 -12.27 -12.20
N MET A 220 7.73 -12.79 -11.11
CA MET A 220 6.59 -13.68 -11.15
C MET A 220 5.41 -12.90 -11.77
N ILE A 221 5.22 -11.68 -11.30
CA ILE A 221 4.13 -10.83 -11.79
C ILE A 221 4.26 -10.64 -13.30
N ALA A 222 5.48 -10.48 -13.78
CA ALA A 222 5.75 -10.30 -15.21
C ALA A 222 5.39 -11.54 -16.00
N ARG A 223 5.50 -12.71 -15.37
CA ARG A 223 5.18 -13.96 -16.04
C ARG A 223 3.89 -14.57 -15.49
N PRO A 224 2.74 -14.11 -16.00
CA PRO A 224 1.44 -14.60 -15.56
C PRO A 224 1.35 -16.09 -15.25
N LYS A 225 1.92 -16.94 -16.11
CA LYS A 225 1.87 -18.38 -15.87
C LYS A 225 2.52 -18.76 -14.54
N ASP A 226 3.63 -18.12 -14.20
CA ASP A 226 4.31 -18.41 -12.94
C ASP A 226 3.47 -17.86 -11.80
N LEU A 227 2.96 -16.65 -11.99
CA LEU A 227 2.14 -15.97 -11.00
C LEU A 227 0.99 -16.87 -10.59
N PHE A 228 0.14 -17.22 -11.55
CA PHE A 228 -1.01 -18.06 -11.26
C PHE A 228 -0.69 -19.44 -10.73
N ALA A 229 0.47 -19.98 -11.07
CA ALA A 229 0.87 -21.30 -10.57
C ALA A 229 1.18 -21.18 -9.08
N SER A 230 1.74 -20.04 -8.70
CA SER A 230 2.09 -19.77 -7.31
C SER A 230 0.84 -19.61 -6.45
N LEU A 231 -0.13 -18.85 -6.94
CA LEU A 231 -1.37 -18.64 -6.20
C LEU A 231 -2.08 -19.97 -5.98
N GLU A 232 -2.03 -20.84 -6.98
CA GLU A 232 -2.68 -22.14 -6.90
C GLU A 232 -2.07 -22.96 -5.76
N GLN A 233 -0.76 -22.87 -5.58
CA GLN A 233 -0.08 -23.61 -4.52
C GLN A 233 -0.15 -22.91 -3.18
N SER A 234 -0.31 -21.59 -3.21
CA SER A 234 -0.33 -20.76 -2.01
C SER A 234 -1.36 -21.10 -0.94
N ASP A 235 -2.60 -21.34 -1.34
CA ASP A 235 -3.70 -21.61 -0.41
C ASP A 235 -3.92 -20.35 0.42
N ILE A 236 -3.73 -19.20 -0.21
CA ILE A 236 -3.91 -17.91 0.42
C ILE A 236 -5.33 -17.73 0.97
N GLN A 237 -5.43 -17.18 2.18
CA GLN A 237 -6.72 -16.97 2.83
C GLN A 237 -7.02 -15.48 3.03
N VAL A 238 -5.96 -14.69 3.19
CA VAL A 238 -6.10 -13.24 3.36
C VAL A 238 -5.34 -12.58 2.21
N TRP A 239 -6.06 -11.84 1.37
CA TRP A 239 -5.49 -11.19 0.20
C TRP A 239 -5.39 -9.67 0.38
N THR A 240 -4.17 -9.17 0.48
CA THR A 240 -3.94 -7.73 0.62
C THR A 240 -3.25 -7.22 -0.64
N SER A 241 -3.91 -6.33 -1.37
CA SER A 241 -3.29 -5.80 -2.58
C SER A 241 -3.95 -4.50 -3.02
N THR A 242 -3.41 -3.90 -4.06
CA THR A 242 -3.99 -2.68 -4.60
C THR A 242 -5.13 -3.12 -5.50
N PRO A 243 -6.07 -2.22 -5.79
CA PRO A 243 -7.18 -2.59 -6.68
C PRO A 243 -6.67 -3.00 -8.06
N SER A 244 -5.67 -2.28 -8.56
CA SER A 244 -5.13 -2.59 -9.88
C SER A 244 -4.58 -4.01 -9.96
N PHE A 245 -3.92 -4.46 -8.90
CA PHE A 245 -3.36 -5.80 -8.91
C PHE A 245 -4.45 -6.85 -8.98
N ALA A 246 -5.53 -6.66 -8.22
CA ALA A 246 -6.62 -7.63 -8.24
C ALA A 246 -7.28 -7.63 -9.61
N GLU A 247 -7.44 -6.45 -10.18
CA GLU A 247 -8.07 -6.31 -11.48
C GLU A 247 -7.30 -7.08 -12.55
N MET A 248 -5.97 -7.02 -12.50
CA MET A 248 -5.14 -7.72 -13.47
C MET A 248 -5.31 -9.23 -13.30
N CYS A 249 -5.36 -9.69 -12.05
CA CYS A 249 -5.55 -11.12 -11.77
C CYS A 249 -6.91 -11.52 -12.30
N LEU A 250 -7.85 -10.57 -12.27
CA LEU A 250 -9.20 -10.85 -12.73
C LEU A 250 -9.28 -11.04 -14.24
N MET A 251 -8.24 -10.64 -14.96
CA MET A 251 -8.22 -10.81 -16.41
C MET A 251 -8.00 -12.28 -16.74
N GLU A 252 -7.56 -13.06 -15.76
CA GLU A 252 -7.34 -14.49 -15.97
C GLU A 252 -8.58 -15.27 -15.55
N ALA A 253 -9.14 -16.03 -16.49
CA ALA A 253 -10.35 -16.81 -16.23
C ALA A 253 -10.25 -17.79 -15.07
N SER A 254 -9.07 -18.35 -14.85
CA SER A 254 -8.89 -19.32 -13.78
C SER A 254 -8.73 -18.68 -12.39
N PHE A 255 -8.61 -17.35 -12.34
CA PHE A 255 -8.48 -16.68 -11.07
C PHE A 255 -9.86 -16.68 -10.43
N SER A 256 -10.14 -17.73 -9.67
CA SER A 256 -11.44 -17.88 -9.04
C SER A 256 -11.31 -18.74 -7.78
N GLU A 257 -12.44 -19.07 -7.18
CA GLU A 257 -12.47 -19.89 -5.97
C GLU A 257 -11.74 -21.21 -6.21
N SER A 258 -11.79 -21.71 -7.44
CA SER A 258 -11.14 -22.96 -7.81
C SER A 258 -9.64 -22.93 -7.59
N MET A 259 -9.05 -21.75 -7.79
CA MET A 259 -7.62 -21.57 -7.62
C MET A 259 -7.24 -21.33 -6.16
N LEU A 260 -8.11 -20.60 -5.44
CA LEU A 260 -7.90 -20.27 -4.04
C LEU A 260 -9.18 -20.62 -3.29
N PRO A 261 -9.41 -21.92 -3.07
CA PRO A 261 -10.60 -22.42 -2.39
C PRO A 261 -10.80 -21.93 -0.95
N ASN A 262 -9.70 -21.61 -0.27
CA ASN A 262 -9.82 -21.15 1.11
C ASN A 262 -9.73 -19.64 1.30
N MET A 263 -9.95 -18.90 0.22
CA MET A 263 -9.93 -17.45 0.30
C MET A 263 -11.05 -17.03 1.24
N LYS A 264 -10.76 -16.11 2.14
CA LYS A 264 -11.76 -15.67 3.09
C LYS A 264 -11.82 -14.15 3.26
N THR A 265 -10.73 -13.46 2.95
CA THR A 265 -10.69 -12.01 3.12
C THR A 265 -9.85 -11.24 2.11
N PHE A 266 -10.48 -10.27 1.45
CA PHE A 266 -9.79 -9.40 0.51
C PHE A 266 -9.68 -8.04 1.19
N LEU A 267 -8.46 -7.51 1.26
CA LEU A 267 -8.19 -6.21 1.87
C LEU A 267 -7.61 -5.30 0.80
N PHE A 268 -8.26 -4.18 0.53
CA PHE A 268 -7.80 -3.25 -0.50
C PHE A 268 -7.50 -1.85 0.05
N CYS A 269 -6.46 -1.23 -0.50
CA CYS A 269 -6.07 0.12 -0.09
C CYS A 269 -5.15 0.70 -1.15
N GLY A 270 -4.93 2.02 -1.11
CA GLY A 270 -4.02 2.63 -2.07
C GLY A 270 -4.60 3.35 -3.27
N GLU A 271 -5.71 2.85 -3.81
CA GLU A 271 -6.36 3.46 -4.97
C GLU A 271 -7.86 3.24 -4.89
N VAL A 272 -8.57 3.81 -5.86
CA VAL A 272 -10.02 3.64 -5.94
C VAL A 272 -10.31 2.16 -6.21
N LEU A 273 -11.26 1.60 -5.47
CA LEU A 273 -11.67 0.22 -5.67
C LEU A 273 -12.94 0.33 -6.49
N PRO A 274 -12.89 -0.02 -7.78
CA PRO A 274 -14.12 0.10 -8.57
C PRO A 274 -15.23 -0.83 -8.11
N ASN A 275 -16.45 -0.31 -8.12
CA ASN A 275 -17.62 -1.10 -7.74
C ASN A 275 -17.58 -2.38 -8.56
N GLU A 276 -17.20 -2.25 -9.84
CA GLU A 276 -17.15 -3.39 -10.76
C GLU A 276 -16.16 -4.47 -10.34
N VAL A 277 -15.01 -4.06 -9.82
CA VAL A 277 -13.99 -5.04 -9.38
C VAL A 277 -14.50 -5.86 -8.20
N ALA A 278 -15.17 -5.20 -7.26
CA ALA A 278 -15.71 -5.88 -6.08
C ALA A 278 -16.79 -6.87 -6.48
N ARG A 279 -17.63 -6.49 -7.44
CA ARG A 279 -18.70 -7.36 -7.94
C ARG A 279 -18.10 -8.65 -8.48
N LYS A 280 -17.07 -8.50 -9.31
CA LYS A 280 -16.40 -9.66 -9.91
C LYS A 280 -15.81 -10.58 -8.86
N LEU A 281 -15.25 -10.00 -7.81
CA LEU A 281 -14.65 -10.80 -6.74
C LEU A 281 -15.70 -11.62 -5.99
N ILE A 282 -16.86 -11.02 -5.75
CA ILE A 282 -17.93 -11.75 -5.05
C ILE A 282 -18.37 -12.94 -5.90
N GLU A 283 -18.53 -12.71 -7.21
CA GLU A 283 -18.92 -13.77 -8.13
C GLU A 283 -17.90 -14.90 -8.11
N ARG A 284 -16.65 -14.53 -8.35
CA ARG A 284 -15.53 -15.48 -8.39
C ARG A 284 -15.25 -16.15 -7.04
N PHE A 285 -15.46 -15.42 -5.95
CA PHE A 285 -15.20 -15.92 -4.61
C PHE A 285 -16.39 -15.64 -3.68
N PRO A 286 -17.48 -16.41 -3.84
CA PRO A 286 -18.68 -16.23 -3.01
C PRO A 286 -18.49 -16.44 -1.51
N LYS A 287 -17.35 -16.99 -1.11
CA LYS A 287 -17.10 -17.23 0.31
C LYS A 287 -16.21 -16.16 0.96
N ALA A 288 -15.75 -15.20 0.17
CA ALA A 288 -14.86 -14.17 0.71
C ALA A 288 -15.53 -12.87 1.12
N THR A 289 -14.92 -12.21 2.10
CA THR A 289 -15.36 -10.92 2.62
C THR A 289 -14.45 -9.87 1.97
N ILE A 290 -15.05 -8.81 1.42
CA ILE A 290 -14.26 -7.75 0.78
C ILE A 290 -14.25 -6.49 1.64
N MET A 291 -13.04 -5.97 1.88
CA MET A 291 -12.90 -4.78 2.69
C MET A 291 -12.20 -3.66 1.91
N ASN A 292 -12.77 -2.47 1.90
CA ASN A 292 -12.13 -1.35 1.23
C ASN A 292 -11.64 -0.48 2.39
N THR A 293 -10.43 0.04 2.28
CA THR A 293 -9.84 0.87 3.33
C THR A 293 -9.14 2.06 2.68
N TYR A 294 -8.98 3.15 3.42
CA TYR A 294 -8.34 4.36 2.91
C TYR A 294 -7.38 4.99 3.90
N GLY A 295 -6.34 5.64 3.37
CA GLY A 295 -5.39 6.31 4.23
C GLY A 295 -4.09 6.60 3.53
N PRO A 296 -3.36 7.64 3.99
CA PRO A 296 -2.07 8.00 3.40
C PRO A 296 -1.00 7.34 4.24
N THR A 297 0.21 7.24 3.72
CA THR A 297 1.32 6.65 4.45
C THR A 297 1.54 7.45 5.74
N GLU A 298 1.32 8.76 5.65
CA GLU A 298 1.49 9.68 6.77
C GLU A 298 0.54 9.40 7.94
N ALA A 299 -0.41 8.49 7.74
CA ALA A 299 -1.36 8.13 8.79
C ALA A 299 -1.30 6.61 9.10
N THR A 300 -0.13 6.02 8.91
CA THR A 300 0.09 4.61 9.18
C THR A 300 -0.84 3.65 8.44
N VAL A 301 -0.62 3.57 7.14
CA VAL A 301 -1.35 2.68 6.23
C VAL A 301 -2.80 3.06 5.91
N ALA A 302 -3.70 2.84 6.87
CA ALA A 302 -5.10 3.16 6.64
C ALA A 302 -5.79 3.51 7.95
N VAL A 303 -6.81 4.37 7.85
CA VAL A 303 -7.57 4.78 9.03
C VAL A 303 -9.05 4.48 8.90
N THR A 304 -9.53 4.25 7.67
CA THR A 304 -10.94 3.91 7.47
C THR A 304 -11.08 2.54 6.85
N GLY A 305 -12.25 1.93 7.07
CA GLY A 305 -12.50 0.62 6.52
C GLY A 305 -13.97 0.30 6.51
N ILE A 306 -14.39 -0.46 5.51
CA ILE A 306 -15.78 -0.84 5.39
C ILE A 306 -15.92 -2.17 4.66
N HIS A 307 -16.85 -2.98 5.12
CA HIS A 307 -17.14 -4.27 4.55
C HIS A 307 -17.99 -4.00 3.30
N VAL A 308 -17.45 -4.32 2.14
CA VAL A 308 -18.17 -4.09 0.89
C VAL A 308 -19.10 -5.26 0.58
N THR A 309 -20.34 -5.15 1.05
CA THR A 309 -21.34 -6.19 0.83
C THR A 309 -22.12 -5.91 -0.45
N GLU A 310 -23.08 -6.79 -0.75
CA GLU A 310 -23.94 -6.63 -1.91
C GLU A 310 -24.76 -5.38 -1.71
N GLU A 311 -25.18 -5.14 -0.47
CA GLU A 311 -25.98 -3.97 -0.14
C GLU A 311 -25.21 -2.70 -0.38
N VAL A 312 -23.94 -2.67 0.03
CA VAL A 312 -23.12 -1.49 -0.18
C VAL A 312 -22.96 -1.27 -1.68
N LEU A 313 -22.69 -2.36 -2.40
CA LEU A 313 -22.52 -2.27 -3.86
C LEU A 313 -23.80 -1.75 -4.50
N ASP A 314 -24.93 -2.10 -3.93
CA ASP A 314 -26.23 -1.65 -4.45
C ASP A 314 -26.50 -0.16 -4.26
N GLN A 315 -26.23 0.37 -3.08
CA GLN A 315 -26.51 1.79 -2.88
C GLN A 315 -25.41 2.78 -3.20
N TYR A 316 -24.20 2.30 -3.42
CA TYR A 316 -23.10 3.21 -3.73
C TYR A 316 -22.41 2.87 -5.05
N LYS A 317 -22.74 3.60 -6.11
CA LYS A 317 -22.13 3.38 -7.41
C LYS A 317 -20.63 3.59 -7.23
N SER A 318 -20.30 4.59 -6.43
CA SER A 318 -18.91 4.88 -6.11
C SER A 318 -18.75 4.45 -4.66
N LEU A 319 -17.99 3.39 -4.43
CA LEU A 319 -17.80 2.85 -3.09
C LEU A 319 -17.21 3.80 -2.06
N PRO A 320 -17.78 3.82 -0.85
CA PRO A 320 -17.26 4.70 0.20
C PRO A 320 -15.94 4.10 0.65
N VAL A 321 -15.09 4.87 1.32
CA VAL A 321 -13.84 4.30 1.76
C VAL A 321 -13.84 3.82 3.20
N GLY A 322 -14.94 4.05 3.91
CA GLY A 322 -15.02 3.54 5.27
C GLY A 322 -15.20 4.43 6.47
N TYR A 323 -15.38 3.75 7.60
CA TYR A 323 -15.57 4.38 8.90
C TYR A 323 -14.19 4.49 9.56
N CYS A 324 -13.92 5.63 10.19
CA CYS A 324 -12.65 5.87 10.85
C CYS A 324 -12.42 5.04 12.11
N LYS A 325 -11.21 4.49 12.26
CA LYS A 325 -10.90 3.69 13.44
C LYS A 325 -11.25 4.52 14.67
N SER A 326 -11.82 3.85 15.67
CA SER A 326 -12.28 4.50 16.90
C SER A 326 -11.32 5.36 17.71
N ASP A 327 -10.01 5.14 17.59
CA ASP A 327 -9.08 5.95 18.37
C ASP A 327 -8.62 7.21 17.64
N CYS A 328 -9.19 7.45 16.46
CA CYS A 328 -8.85 8.62 15.63
C CYS A 328 -10.14 9.32 15.18
N ARG A 329 -10.00 10.46 14.52
CA ARG A 329 -11.18 11.14 14.00
C ARG A 329 -10.85 11.87 12.70
N LEU A 330 -11.89 12.23 11.96
CA LEU A 330 -11.71 12.91 10.68
C LEU A 330 -12.33 14.32 10.64
N LEU A 331 -11.74 15.18 9.81
CA LEU A 331 -12.24 16.54 9.61
C LEU A 331 -12.23 16.83 8.11
N ILE A 332 -13.31 17.42 7.61
CA ILE A 332 -13.39 17.77 6.20
C ILE A 332 -13.32 19.29 6.19
N MET A 333 -12.26 19.84 5.58
CA MET A 333 -12.08 21.29 5.54
C MET A 333 -12.29 21.89 4.15
N LYS A 334 -12.99 23.02 4.09
CA LYS A 334 -13.25 23.66 2.81
C LYS A 334 -12.25 24.79 2.50
N GLU A 335 -12.59 25.61 1.50
CA GLU A 335 -11.78 26.74 1.04
C GLU A 335 -10.83 27.28 2.11
N ASP A 336 -11.41 27.79 3.19
CA ASP A 336 -10.62 28.33 4.29
C ASP A 336 -10.50 27.25 5.37
N GLY A 337 -9.65 27.51 6.36
CA GLY A 337 -9.47 26.55 7.44
C GLY A 337 -10.74 26.29 8.22
N THR A 338 -11.89 26.46 7.57
CA THR A 338 -13.19 26.23 8.18
C THR A 338 -13.59 24.77 7.98
N ILE A 339 -14.33 24.22 8.94
CA ILE A 339 -14.78 22.84 8.86
C ILE A 339 -16.05 22.79 8.02
N ALA A 340 -16.12 21.82 7.12
CA ALA A 340 -17.27 21.69 6.25
C ALA A 340 -18.43 20.91 6.86
N PRO A 341 -19.66 21.33 6.57
CA PRO A 341 -20.82 20.63 7.11
C PRO A 341 -20.82 19.24 6.48
N ASP A 342 -21.31 18.25 7.22
CA ASP A 342 -21.35 16.90 6.71
C ASP A 342 -22.09 16.84 5.38
N GLY A 343 -21.46 16.18 4.40
CA GLY A 343 -22.05 16.06 3.08
C GLY A 343 -21.30 16.93 2.08
N GLU A 344 -20.67 17.99 2.57
CA GLU A 344 -19.93 18.89 1.71
C GLU A 344 -18.49 18.45 1.49
N LYS A 345 -18.02 18.62 0.26
CA LYS A 345 -16.67 18.24 -0.12
C LYS A 345 -15.65 19.22 0.42
N GLY A 346 -14.51 18.69 0.81
CA GLY A 346 -13.44 19.51 1.34
C GLY A 346 -12.20 18.65 1.40
N GLU A 347 -11.13 19.15 2.02
CA GLU A 347 -9.91 18.39 2.12
C GLU A 347 -9.94 17.49 3.36
N ILE A 348 -9.67 16.20 3.15
CA ILE A 348 -9.65 15.23 4.23
C ILE A 348 -8.46 15.46 5.17
N VAL A 349 -8.74 15.60 6.45
CA VAL A 349 -7.71 15.80 7.48
C VAL A 349 -7.87 14.71 8.53
N ILE A 350 -6.76 14.10 8.90
CA ILE A 350 -6.77 13.01 9.87
C ILE A 350 -6.11 13.42 11.17
N VAL A 351 -6.73 13.04 12.29
CA VAL A 351 -6.16 13.36 13.60
C VAL A 351 -6.27 12.19 14.58
N GLY A 352 -5.17 11.89 15.23
CA GLY A 352 -5.16 10.78 16.18
C GLY A 352 -3.81 10.08 16.28
N PRO A 353 -3.73 9.01 17.08
CA PRO A 353 -2.49 8.25 17.26
C PRO A 353 -1.93 7.57 16.00
N SER A 354 -2.72 7.49 14.93
CA SER A 354 -2.24 6.88 13.69
C SER A 354 -1.38 7.88 12.89
N VAL A 355 -1.54 9.17 13.18
CA VAL A 355 -0.80 10.20 12.45
C VAL A 355 0.69 10.22 12.77
N SER A 356 1.50 10.29 11.72
CA SER A 356 2.95 10.32 11.84
C SER A 356 3.43 11.50 12.66
N VAL A 357 4.60 11.35 13.28
CA VAL A 357 5.18 12.42 14.07
C VAL A 357 5.80 13.44 13.13
N GLY A 358 5.81 13.13 11.83
CA GLY A 358 6.36 14.05 10.84
C GLY A 358 7.38 13.47 9.87
N TYR A 359 7.77 14.29 8.90
CA TYR A 359 8.76 13.89 7.90
C TYR A 359 10.15 14.01 8.53
N LEU A 360 10.99 13.02 8.26
CA LEU A 360 12.34 13.01 8.82
C LEU A 360 13.23 14.14 8.30
N GLY A 361 13.64 15.03 9.19
CA GLY A 361 14.50 16.14 8.82
C GLY A 361 13.95 17.13 7.83
N SER A 362 12.64 17.14 7.64
CA SER A 362 12.03 18.07 6.70
C SER A 362 11.08 19.01 7.44
N PRO A 363 11.63 20.02 8.12
CA PRO A 363 10.84 21.00 8.88
C PRO A 363 9.76 21.71 8.06
N GLU A 364 10.18 22.46 7.04
CA GLU A 364 9.23 23.19 6.21
C GLU A 364 8.11 22.32 5.67
N LEU A 365 8.46 21.13 5.20
CA LEU A 365 7.47 20.20 4.64
C LEU A 365 6.48 19.72 5.70
N THR A 366 6.98 19.41 6.89
CA THR A 366 6.14 18.93 7.98
C THR A 366 5.18 20.01 8.47
N GLU A 367 5.69 21.24 8.58
CA GLU A 367 4.88 22.37 9.05
C GLU A 367 3.68 22.63 8.14
N LYS A 368 3.83 22.34 6.84
CA LYS A 368 2.76 22.57 5.88
C LYS A 368 1.65 21.54 5.88
N ALA A 369 1.98 20.30 6.22
CA ALA A 369 0.96 19.24 6.22
C ALA A 369 0.59 18.78 7.63
N PHE A 370 1.56 18.79 8.54
CA PHE A 370 1.31 18.37 9.91
C PHE A 370 1.02 19.53 10.85
N THR A 371 0.02 19.33 11.70
CA THR A 371 -0.36 20.34 12.67
C THR A 371 -0.78 19.65 13.98
N MET A 372 -0.98 20.45 15.02
CA MET A 372 -1.39 19.94 16.31
C MET A 372 -2.79 20.47 16.62
N ILE A 373 -3.67 19.57 17.02
CA ILE A 373 -5.04 19.95 17.35
C ILE A 373 -5.45 19.31 18.67
N ASP A 374 -5.71 20.14 19.66
CA ASP A 374 -6.10 19.69 20.98
C ASP A 374 -5.10 18.67 21.54
N GLY A 375 -3.83 18.97 21.36
CA GLY A 375 -2.79 18.09 21.87
C GLY A 375 -2.42 16.90 21.01
N GLU A 376 -3.16 16.63 19.94
CA GLU A 376 -2.79 15.51 19.10
C GLU A 376 -2.43 15.88 17.67
N ARG A 377 -1.70 14.98 17.03
CA ARG A 377 -1.23 15.21 15.68
C ARG A 377 -2.31 15.09 14.61
N ALA A 378 -2.28 16.02 13.67
CA ALA A 378 -3.24 16.07 12.57
C ALA A 378 -2.46 16.11 11.27
N TYR A 379 -3.07 15.59 10.20
CA TYR A 379 -2.43 15.57 8.90
C TYR A 379 -3.40 15.93 7.76
N LYS A 380 -3.02 16.89 6.93
CA LYS A 380 -3.83 17.30 5.78
C LYS A 380 -3.44 16.34 4.66
N THR A 381 -4.38 15.56 4.15
CA THR A 381 -4.09 14.57 3.11
C THR A 381 -3.93 15.07 1.68
N GLY A 382 -4.54 16.21 1.36
CA GLY A 382 -4.46 16.72 0.00
C GLY A 382 -5.52 16.00 -0.82
N ASP A 383 -6.34 15.22 -0.13
CA ASP A 383 -7.42 14.46 -0.79
C ASP A 383 -8.75 15.18 -0.57
N ALA A 384 -9.59 15.18 -1.60
CA ALA A 384 -10.89 15.79 -1.52
C ALA A 384 -11.89 14.68 -1.20
N GLY A 385 -12.83 14.96 -0.30
CA GLY A 385 -13.83 13.98 0.06
C GLY A 385 -14.86 14.59 1.00
N TYR A 386 -15.75 13.76 1.54
CA TYR A 386 -16.77 14.24 2.47
C TYR A 386 -17.23 13.11 3.39
N VAL A 387 -17.93 13.46 4.44
CA VAL A 387 -18.43 12.45 5.37
C VAL A 387 -19.95 12.55 5.47
N GLU A 388 -20.57 11.41 5.73
CA GLU A 388 -22.02 11.33 5.90
C GLU A 388 -22.26 10.31 6.99
N ASN A 389 -22.63 10.79 8.18
CA ASN A 389 -22.89 9.92 9.30
C ASN A 389 -21.70 9.01 9.62
N GLY A 390 -20.52 9.62 9.72
CA GLY A 390 -19.31 8.87 10.03
C GLY A 390 -18.67 8.09 8.89
N LEU A 391 -19.35 8.00 7.76
CA LEU A 391 -18.83 7.26 6.61
C LEU A 391 -18.07 8.21 5.69
N LEU A 392 -16.80 7.93 5.43
CA LEU A 392 -15.99 8.79 4.56
C LEU A 392 -16.04 8.39 3.09
N PHE A 393 -16.17 9.39 2.21
CA PHE A 393 -16.20 9.14 0.77
C PHE A 393 -15.02 9.87 0.15
N TYR A 394 -14.40 9.22 -0.83
CA TYR A 394 -13.24 9.76 -1.53
C TYR A 394 -13.60 10.27 -2.92
N ASN A 395 -13.28 11.54 -3.18
CA ASN A 395 -13.56 12.13 -4.48
C ASN A 395 -12.34 12.12 -5.40
N GLY A 396 -11.19 12.48 -4.86
CA GLY A 396 -9.98 12.50 -5.66
C GLY A 396 -8.90 13.39 -5.08
N ARG A 397 -7.72 13.37 -5.69
CA ARG A 397 -6.61 14.21 -5.24
C ARG A 397 -6.83 15.65 -5.69
N LEU A 398 -6.69 16.61 -4.78
CA LEU A 398 -6.85 18.01 -5.14
C LEU A 398 -5.92 18.35 -6.31
N ASP A 399 -4.72 17.80 -6.25
CA ASP A 399 -3.70 18.02 -7.27
C ASP A 399 -4.10 17.49 -8.65
N PHE A 400 -5.07 16.58 -8.68
CA PHE A 400 -5.52 16.01 -9.95
C PHE A 400 -6.75 16.70 -10.52
N GLN A 401 -7.25 17.71 -9.83
CA GLN A 401 -8.42 18.43 -10.31
C GLN A 401 -8.17 19.12 -11.64
N ILE A 402 -8.96 18.76 -12.65
CA ILE A 402 -8.79 19.35 -13.97
C ILE A 402 -9.82 20.46 -14.18
N LYS A 403 -9.45 21.46 -14.95
CA LYS A 403 -10.36 22.56 -15.22
C LYS A 403 -10.48 22.78 -16.72
N LEU A 404 -11.72 22.68 -17.20
CA LEU A 404 -12.04 22.86 -18.60
C LEU A 404 -13.32 23.68 -18.62
N HIS A 405 -13.38 24.67 -19.50
CA HIS A 405 -14.55 25.54 -19.60
C HIS A 405 -14.82 26.20 -18.25
N GLY A 406 -13.75 26.53 -17.53
CA GLY A 406 -13.91 27.18 -16.25
C GLY A 406 -14.54 26.28 -15.20
N TYR A 407 -14.73 25.01 -15.56
CA TYR A 407 -15.32 24.03 -14.65
C TYR A 407 -14.24 23.14 -14.05
N ARG A 408 -14.38 22.86 -12.76
CA ARG A 408 -13.42 22.00 -12.06
C ARG A 408 -14.04 20.61 -11.87
N MET A 409 -13.29 19.58 -12.25
CA MET A 409 -13.76 18.20 -12.17
C MET A 409 -12.65 17.24 -11.70
N GLU A 410 -12.90 16.46 -10.64
CA GLU A 410 -11.89 15.52 -10.17
C GLU A 410 -11.63 14.49 -11.25
N LEU A 411 -10.35 14.26 -11.54
CA LEU A 411 -9.97 13.29 -12.56
C LEU A 411 -10.57 11.93 -12.25
N GLU A 412 -10.49 11.55 -10.97
CA GLU A 412 -11.01 10.27 -10.52
C GLU A 412 -12.51 10.09 -10.77
N GLU A 413 -13.26 11.18 -10.74
CA GLU A 413 -14.69 11.05 -10.99
C GLU A 413 -14.94 10.72 -12.46
N ILE A 414 -14.11 11.26 -13.34
CA ILE A 414 -14.24 10.99 -14.76
C ILE A 414 -13.88 9.53 -15.03
N GLU A 415 -12.86 9.03 -14.34
CA GLU A 415 -12.45 7.63 -14.52
C GLU A 415 -13.56 6.72 -14.02
N HIS A 416 -14.21 7.11 -12.94
CA HIS A 416 -15.30 6.31 -12.38
C HIS A 416 -16.40 6.07 -13.42
N HIS A 417 -16.82 7.13 -14.10
CA HIS A 417 -17.87 6.99 -15.10
C HIS A 417 -17.43 6.25 -16.36
N LEU A 418 -16.19 6.45 -16.78
CA LEU A 418 -15.66 5.76 -17.95
C LEU A 418 -15.64 4.27 -17.62
N ARG A 419 -15.11 3.94 -16.45
CA ARG A 419 -15.03 2.55 -16.01
C ARG A 419 -16.40 1.88 -15.95
N ALA A 420 -17.44 2.67 -15.71
CA ALA A 420 -18.79 2.14 -15.58
C ALA A 420 -19.50 1.83 -16.89
N CYS A 421 -18.95 2.31 -18.00
CA CYS A 421 -19.56 2.09 -19.32
C CYS A 421 -19.41 0.68 -19.86
N SER A 422 -20.37 0.26 -20.67
CA SER A 422 -20.33 -1.08 -21.27
C SER A 422 -19.09 -1.16 -22.17
N TYR A 423 -18.53 -2.36 -22.30
CA TYR A 423 -17.36 -2.60 -23.13
C TYR A 423 -16.03 -2.12 -22.52
N VAL A 424 -16.09 -1.50 -21.35
CA VAL A 424 -14.88 -1.00 -20.68
C VAL A 424 -14.53 -1.87 -19.46
N GLU A 425 -13.35 -2.46 -19.47
CA GLU A 425 -12.91 -3.32 -18.37
C GLU A 425 -11.91 -2.63 -17.45
N GLY A 426 -11.11 -1.76 -18.04
CA GLY A 426 -10.11 -1.02 -17.28
C GLY A 426 -9.99 0.32 -17.96
N ALA A 427 -9.73 1.40 -17.22
CA ALA A 427 -9.62 2.69 -17.86
C ALA A 427 -8.88 3.76 -17.05
N VAL A 428 -8.20 4.63 -17.76
CA VAL A 428 -7.46 5.71 -17.13
C VAL A 428 -7.61 6.96 -17.97
N ILE A 429 -7.70 8.11 -17.31
CA ILE A 429 -7.83 9.39 -17.99
C ILE A 429 -6.48 10.07 -17.95
N VAL A 430 -5.99 10.42 -19.13
CA VAL A 430 -4.70 11.09 -19.26
C VAL A 430 -4.97 12.51 -19.77
N PRO A 431 -4.83 13.51 -18.88
CA PRO A 431 -5.08 14.88 -19.33
C PRO A 431 -3.94 15.40 -20.19
N ILE A 432 -4.31 15.97 -21.34
CA ILE A 432 -3.32 16.53 -22.26
C ILE A 432 -3.35 18.03 -22.03
N LYS A 433 -2.25 18.57 -21.50
CA LYS A 433 -2.16 19.98 -21.20
C LYS A 433 -1.43 20.79 -22.25
N LYS A 434 -1.92 22.01 -22.48
CA LYS A 434 -1.32 22.94 -23.44
C LYS A 434 -0.72 24.05 -22.60
N GLY A 435 0.36 23.71 -21.89
CA GLY A 435 1.02 24.68 -21.04
C GLY A 435 0.50 24.54 -19.62
N GLU A 436 -0.01 25.63 -19.06
CA GLU A 436 -0.52 25.61 -17.69
C GLU A 436 -2.00 25.24 -17.68
N LYS A 437 -2.63 25.28 -18.85
CA LYS A 437 -4.05 24.95 -18.95
C LYS A 437 -4.29 23.57 -19.56
N TYR A 438 -5.47 23.02 -19.30
CA TYR A 438 -5.85 21.72 -19.83
C TYR A 438 -6.39 21.86 -21.25
N ASP A 439 -5.80 21.11 -22.18
CA ASP A 439 -6.23 21.16 -23.56
C ASP A 439 -7.40 20.21 -23.77
N TYR A 440 -7.18 18.92 -23.54
CA TYR A 440 -8.22 17.93 -23.69
C TYR A 440 -7.86 16.65 -22.94
N LEU A 441 -8.82 15.75 -22.81
CA LEU A 441 -8.60 14.50 -22.10
C LEU A 441 -8.49 13.32 -23.06
N LEU A 442 -7.61 12.39 -22.73
CA LEU A 442 -7.42 11.19 -23.54
C LEU A 442 -7.78 10.00 -22.67
N ALA A 443 -8.65 9.14 -23.18
CA ALA A 443 -9.06 7.96 -22.43
C ALA A 443 -8.34 6.71 -22.90
N VAL A 444 -7.69 6.01 -21.97
CA VAL A 444 -7.02 4.76 -22.30
C VAL A 444 -7.91 3.68 -21.71
N VAL A 445 -8.47 2.82 -22.54
CA VAL A 445 -9.33 1.79 -21.98
C VAL A 445 -9.00 0.39 -22.46
N VAL A 446 -9.29 -0.58 -21.60
CA VAL A 446 -9.07 -1.98 -21.95
C VAL A 446 -10.45 -2.43 -22.37
N PRO A 447 -10.62 -2.73 -23.66
CA PRO A 447 -11.93 -3.16 -24.14
C PRO A 447 -12.38 -4.52 -23.65
N GLY A 448 -13.67 -4.64 -23.38
CA GLY A 448 -14.22 -5.91 -22.97
C GLY A 448 -14.67 -6.60 -24.23
N GLU A 449 -15.37 -7.72 -24.10
CA GLU A 449 -15.85 -8.46 -25.26
C GLU A 449 -16.89 -7.66 -26.04
N HIS A 450 -16.68 -7.54 -27.35
CA HIS A 450 -17.59 -6.79 -28.19
C HIS A 450 -17.59 -7.36 -29.61
N SER A 451 -18.44 -6.81 -30.46
CA SER A 451 -18.53 -7.27 -31.85
C SER A 451 -18.40 -6.12 -32.83
N PHE A 452 -17.80 -5.02 -32.39
CA PHE A 452 -17.62 -3.87 -33.26
C PHE A 452 -16.55 -4.20 -34.30
N GLU A 453 -16.85 -3.93 -35.56
CA GLU A 453 -15.94 -4.24 -36.66
C GLU A 453 -14.84 -3.22 -36.85
N LYS A 454 -15.05 -2.01 -36.33
CA LYS A 454 -14.08 -0.95 -36.48
C LYS A 454 -14.01 -0.13 -35.20
N GLU A 455 -12.82 0.34 -34.87
CA GLU A 455 -12.59 1.11 -33.64
C GLU A 455 -13.57 2.25 -33.39
N PHE A 456 -13.84 3.08 -34.40
CA PHE A 456 -14.75 4.21 -34.20
C PHE A 456 -16.10 3.78 -33.66
N LYS A 457 -16.52 2.54 -33.94
CA LYS A 457 -17.81 2.08 -33.45
C LYS A 457 -17.78 1.95 -31.94
N LEU A 458 -16.65 1.47 -31.41
CA LEU A 458 -16.51 1.32 -29.96
C LEU A 458 -16.42 2.70 -29.29
N THR A 459 -15.61 3.58 -29.87
CA THR A 459 -15.45 4.91 -29.29
C THR A 459 -16.78 5.65 -29.28
N SER A 460 -17.57 5.47 -30.34
CA SER A 460 -18.87 6.13 -30.42
C SER A 460 -19.79 5.62 -29.32
N ALA A 461 -19.82 4.31 -29.11
CA ALA A 461 -20.67 3.73 -28.09
C ALA A 461 -20.32 4.22 -26.69
N ILE A 462 -19.02 4.35 -26.39
CA ILE A 462 -18.60 4.81 -25.07
C ILE A 462 -18.91 6.30 -24.86
N LYS A 463 -18.66 7.12 -25.88
CA LYS A 463 -18.93 8.55 -25.78
C LYS A 463 -20.43 8.83 -25.60
N LYS A 464 -21.27 8.07 -26.28
CA LYS A 464 -22.70 8.26 -26.15
C LYS A 464 -23.16 7.96 -24.73
N GLU A 465 -22.71 6.83 -24.19
CA GLU A 465 -23.09 6.45 -22.84
C GLU A 465 -22.52 7.44 -21.84
N LEU A 466 -21.30 7.89 -22.09
CA LEU A 466 -20.64 8.83 -21.20
C LEU A 466 -21.34 10.20 -21.22
N ASN A 467 -22.04 10.48 -22.31
CA ASN A 467 -22.76 11.75 -22.45
C ASN A 467 -23.93 11.79 -21.48
N GLU A 468 -24.38 10.61 -21.06
CA GLU A 468 -25.49 10.50 -20.13
C GLU A 468 -24.99 10.62 -18.69
N ARG A 469 -23.68 10.60 -18.52
CA ARG A 469 -23.07 10.65 -17.19
C ARG A 469 -22.30 11.94 -16.90
N LEU A 470 -21.75 12.55 -17.94
CA LEU A 470 -20.95 13.74 -17.74
C LEU A 470 -21.28 14.87 -18.70
N PRO A 471 -20.86 16.09 -18.36
CA PRO A 471 -21.11 17.25 -19.22
C PRO A 471 -20.25 16.96 -20.45
N ASN A 472 -20.59 17.56 -21.59
CA ASN A 472 -19.83 17.32 -22.80
C ASN A 472 -18.36 17.71 -22.69
N TYR A 473 -18.07 18.80 -21.98
CA TYR A 473 -16.69 19.24 -21.83
C TYR A 473 -15.83 18.33 -20.94
N MET A 474 -16.46 17.38 -20.26
CA MET A 474 -15.76 16.43 -19.39
C MET A 474 -15.43 15.14 -20.13
N ILE A 475 -16.08 14.93 -21.27
CA ILE A 475 -15.86 13.72 -22.06
C ILE A 475 -14.57 13.79 -22.84
N PRO A 476 -13.70 12.77 -22.68
CA PRO A 476 -12.42 12.74 -23.39
C PRO A 476 -12.61 12.81 -24.91
N ARG A 477 -11.77 13.61 -25.55
CA ARG A 477 -11.85 13.77 -27.00
C ARG A 477 -11.26 12.57 -27.73
N LYS A 478 -10.18 12.03 -27.19
CA LYS A 478 -9.51 10.89 -27.81
C LYS A 478 -9.51 9.62 -26.96
N PHE A 479 -9.61 8.49 -27.65
CA PHE A 479 -9.59 7.19 -26.99
C PHE A 479 -8.49 6.34 -27.58
N MET A 480 -7.84 5.58 -26.70
CA MET A 480 -6.77 4.66 -27.07
C MET A 480 -7.13 3.34 -26.43
N TYR A 481 -6.91 2.24 -27.14
CA TYR A 481 -7.24 0.93 -26.60
C TYR A 481 -6.03 0.01 -26.51
N GLN A 482 -5.96 -0.73 -25.42
CA GLN A 482 -4.88 -1.68 -25.19
C GLN A 482 -5.38 -2.80 -24.28
N SER A 483 -4.71 -3.94 -24.37
CA SER A 483 -5.10 -5.12 -23.61
C SER A 483 -4.91 -5.07 -22.10
N SER A 484 -4.12 -4.12 -21.61
CA SER A 484 -3.91 -4.00 -20.17
C SER A 484 -3.41 -2.62 -19.77
N ILE A 485 -3.60 -2.28 -18.50
CA ILE A 485 -3.16 -1.01 -17.95
C ILE A 485 -1.89 -1.26 -17.15
N PRO A 486 -0.81 -0.50 -17.45
CA PRO A 486 0.46 -0.68 -16.74
C PRO A 486 0.41 -0.32 -15.27
N MET A 487 1.18 -1.06 -14.47
CA MET A 487 1.26 -0.85 -13.03
C MET A 487 2.70 -0.50 -12.66
N THR A 488 2.87 0.29 -11.61
CA THR A 488 4.19 0.66 -11.13
C THR A 488 4.64 -0.55 -10.29
N PRO A 489 5.88 -0.55 -9.80
CA PRO A 489 6.27 -1.72 -8.99
C PRO A 489 5.40 -1.88 -7.75
N ASN A 490 4.87 -0.78 -7.23
CA ASN A 490 4.02 -0.86 -6.05
C ASN A 490 2.66 -1.50 -6.38
N GLY A 491 2.37 -1.64 -7.66
CA GLY A 491 1.11 -2.24 -8.06
C GLY A 491 0.01 -1.22 -8.36
N LYS A 492 0.38 0.04 -8.53
CA LYS A 492 -0.60 1.08 -8.82
C LYS A 492 -0.55 1.51 -10.29
N VAL A 493 -1.62 2.16 -10.74
CA VAL A 493 -1.71 2.62 -12.12
C VAL A 493 -0.49 3.49 -12.43
N ASP A 494 0.23 3.15 -13.50
CA ASP A 494 1.41 3.91 -13.87
C ASP A 494 0.96 5.07 -14.75
N ARG A 495 0.46 6.14 -14.13
CA ARG A 495 -0.01 7.30 -14.89
C ARG A 495 1.09 8.00 -15.68
N LYS A 496 2.30 8.07 -15.11
CA LYS A 496 3.39 8.74 -15.83
C LYS A 496 3.78 7.99 -17.08
N LYS A 497 3.83 6.67 -17.00
CA LYS A 497 4.19 5.85 -18.16
C LYS A 497 3.17 6.08 -19.27
N LEU A 498 1.90 6.14 -18.90
CA LEU A 498 0.83 6.34 -19.87
C LEU A 498 0.93 7.74 -20.51
N LEU A 499 1.20 8.76 -19.70
CA LEU A 499 1.32 10.11 -20.22
C LEU A 499 2.47 10.15 -21.21
N SER A 500 3.55 9.46 -20.88
CA SER A 500 4.73 9.42 -21.73
C SER A 500 4.44 8.86 -23.12
N GLU A 501 3.83 7.69 -23.18
CA GLU A 501 3.53 7.07 -24.47
C GLU A 501 2.42 7.75 -25.27
N VAL A 502 1.61 8.59 -24.61
CA VAL A 502 0.55 9.29 -25.32
C VAL A 502 1.13 10.60 -25.83
N THR A 503 2.06 11.16 -25.06
CA THR A 503 2.72 12.41 -25.43
C THR A 503 3.54 12.15 -26.69
N ALA A 504 4.29 11.03 -26.69
CA ALA A 504 5.12 10.65 -27.82
C ALA A 504 4.24 10.06 -28.93
#